data_2BFX
#
_entry.id   2BFX
#
_cell.length_a   45.940
_cell.length_b   66.900
_cell.length_c   116.520
_cell.angle_alpha   90.00
_cell.angle_beta   96.79
_cell.angle_gamma   90.00
#
_symmetry.space_group_name_H-M   'P 1 21 1'
#
loop_
_entity.id
_entity.type
_entity.pdbx_description
1 polymer 'AURORA KINASE B-A'
2 polymer 'INNER CENTROMERE PROTEIN A'
3 water water
#
loop_
_entity_poly.entity_id
_entity_poly.type
_entity_poly.pdbx_seq_one_letter_code
_entity_poly.pdbx_strand_id
1 'polypeptide(L)'
;TALAEMPKRKFTIDDFDIGRPLGKGKFGNVYLAREKQNKFIMALKVLFKSQLEKEGVEHQLRREIEIQSHLRHPNILRMY
NYFHDRKRIYLMLEFAPRGELYKELQKHGRFDEQRSATFMEELADALHYCHERKVIHRDIKPENLLMGYKGELKIADFGW
SVHAPSLRRR(TPO)MCGTLDYLPPEMIEGKTHDEKVDLWCAGVLCYEFLVGMPPFDSPSHTETHRRIVNVDLKFPPFLS
DGSKDLISKLLRYHPPQRLPLKGVMEHPWVKANSRRVLPPVYQSTQSK
;
A,B
2 'polypeptide(L)' IPAWASGNLLTQAIRQQYYKPIDVDRMYGTIDSPKLEELFNKS C,D
#
# COMPACT_ATOMS: atom_id res chain seq x y z
N ARG A 9 -28.32 13.35 -10.14
CA ARG A 9 -26.86 13.40 -9.84
C ARG A 9 -26.06 14.21 -10.85
N LYS A 10 -26.69 14.68 -11.93
CA LYS A 10 -25.95 15.47 -12.90
C LYS A 10 -26.45 16.86 -13.32
N PHE A 11 -25.59 17.53 -14.07
CA PHE A 11 -25.79 18.90 -14.52
C PHE A 11 -26.85 19.20 -15.58
N THR A 12 -27.41 20.41 -15.47
CA THR A 12 -28.37 20.91 -16.44
C THR A 12 -27.99 22.35 -16.68
N ILE A 13 -28.50 22.92 -17.77
CA ILE A 13 -28.16 24.28 -18.10
C ILE A 13 -28.58 25.21 -16.97
N ASP A 14 -29.65 24.88 -16.25
CA ASP A 14 -30.05 25.79 -15.20
C ASP A 14 -29.08 25.82 -14.02
N ASP A 15 -28.06 24.97 -14.05
CA ASP A 15 -27.06 24.91 -12.98
C ASP A 15 -25.98 25.99 -13.14
N PHE A 16 -26.09 26.78 -14.20
CA PHE A 16 -25.13 27.82 -14.52
C PHE A 16 -25.75 29.16 -14.87
N ASP A 17 -24.99 30.22 -14.62
CA ASP A 17 -25.35 31.57 -14.98
C ASP A 17 -24.54 31.75 -16.25
N ILE A 18 -25.19 32.11 -17.36
CA ILE A 18 -24.46 32.34 -18.57
C ILE A 18 -24.05 33.79 -18.51
N GLY A 19 -22.77 34.03 -18.77
CA GLY A 19 -22.24 35.38 -18.72
C GLY A 19 -22.23 36.09 -20.05
N ARG A 20 -21.63 35.44 -21.05
CA ARG A 20 -21.54 36.02 -22.38
C ARG A 20 -20.84 35.05 -23.29
N PRO A 21 -21.07 35.16 -24.61
CA PRO A 21 -20.41 34.26 -25.54
C PRO A 21 -18.92 34.55 -25.68
N LEU A 22 -18.14 33.49 -25.79
CA LEU A 22 -16.70 33.61 -25.93
C LEU A 22 -16.27 33.27 -27.36
N GLY A 23 -16.95 32.30 -27.92
CA GLY A 23 -16.62 31.84 -29.22
C GLY A 23 -17.85 31.58 -30.02
N LYS A 24 -17.68 31.70 -31.32
CA LYS A 24 -18.78 31.48 -32.22
C LYS A 24 -18.26 30.29 -32.99
N GLY A 25 -18.99 29.22 -32.92
CA GLY A 25 -18.52 28.07 -33.64
C GLY A 25 -19.58 27.79 -34.67
N LYS A 26 -19.47 26.69 -35.42
CA LYS A 26 -20.50 26.36 -36.42
C LYS A 26 -21.31 25.14 -36.03
N PHE A 27 -21.10 24.63 -34.82
CA PHE A 27 -21.92 23.51 -34.33
C PHE A 27 -22.63 24.03 -33.07
N GLY A 28 -22.16 25.19 -32.62
CA GLY A 28 -22.68 25.84 -31.43
C GLY A 28 -21.70 26.88 -30.91
N ASN A 29 -22.07 27.54 -29.82
CA ASN A 29 -21.21 28.57 -29.28
C ASN A 29 -20.57 28.16 -27.98
N VAL A 30 -19.60 28.95 -27.54
CA VAL A 30 -18.95 28.70 -26.26
C VAL A 30 -19.28 29.94 -25.46
N TYR A 31 -19.65 29.77 -24.20
CA TYR A 31 -20.03 30.89 -23.35
C TYR A 31 -19.25 30.88 -22.08
N LEU A 32 -18.99 32.08 -21.55
CA LEU A 32 -18.36 32.20 -20.24
C LEU A 32 -19.55 31.91 -19.31
N ALA A 33 -19.37 31.02 -18.36
CA ALA A 33 -20.44 30.65 -17.46
C ALA A 33 -19.97 30.47 -16.02
N ARG A 34 -20.90 30.60 -15.07
CA ARG A 34 -20.56 30.42 -13.67
C ARG A 34 -21.42 29.29 -13.09
N GLU A 35 -20.81 28.23 -12.57
CA GLU A 35 -21.55 27.12 -11.98
C GLU A 35 -22.07 27.66 -10.64
N LYS A 36 -23.40 27.68 -10.50
CA LYS A 36 -24.03 28.25 -9.31
C LYS A 36 -23.66 27.70 -7.93
N GLN A 37 -23.63 26.39 -7.80
CA GLN A 37 -23.31 25.76 -6.53
C GLN A 37 -21.98 26.29 -5.96
N ASN A 38 -20.97 26.38 -6.83
CA ASN A 38 -19.66 26.82 -6.42
C ASN A 38 -19.23 28.20 -6.90
N LYS A 39 -20.09 28.93 -7.60
CA LYS A 39 -19.71 30.23 -8.16
C LYS A 39 -18.35 30.12 -8.89
N PHE A 40 -18.13 28.97 -9.52
CA PHE A 40 -16.88 28.70 -10.26
C PHE A 40 -17.05 29.05 -11.73
N ILE A 41 -16.15 29.88 -12.21
CA ILE A 41 -16.21 30.31 -13.59
C ILE A 41 -15.57 29.32 -14.54
N MET A 42 -16.28 29.01 -15.63
CA MET A 42 -15.75 28.05 -16.60
C MET A 42 -16.31 28.44 -17.94
N ALA A 43 -16.04 27.64 -18.95
CA ALA A 43 -16.59 27.88 -20.28
C ALA A 43 -17.58 26.72 -20.56
N LEU A 44 -18.67 27.04 -21.25
CA LEU A 44 -19.64 26.01 -21.62
C LEU A 44 -19.73 25.98 -23.14
N LYS A 45 -19.35 24.88 -23.77
CA LYS A 45 -19.43 24.75 -25.19
C LYS A 45 -20.78 24.07 -25.45
N VAL A 46 -21.59 24.67 -26.29
CA VAL A 46 -22.92 24.14 -26.59
C VAL A 46 -22.98 23.66 -28.01
N LEU A 47 -23.34 22.40 -28.20
CA LEU A 47 -23.40 21.83 -29.55
C LEU A 47 -24.82 21.35 -29.81
N PHE A 48 -25.31 21.56 -31.03
CA PHE A 48 -26.66 21.09 -31.39
C PHE A 48 -26.68 19.69 -31.93
N LYS A 49 -27.48 18.82 -31.29
CA LYS A 49 -27.54 17.43 -31.66
C LYS A 49 -27.92 17.19 -33.11
N SER A 50 -28.95 17.88 -33.61
CA SER A 50 -29.36 17.62 -35.01
C SER A 50 -28.31 18.08 -36.06
N GLN A 51 -27.63 19.18 -35.78
CA GLN A 51 -26.61 19.62 -36.70
C GLN A 51 -25.44 18.63 -36.73
N LEU A 52 -25.05 18.13 -35.56
CA LEU A 52 -23.97 17.15 -35.51
C LEU A 52 -24.39 15.92 -36.27
N GLU A 53 -25.64 15.49 -36.10
CA GLU A 53 -26.07 14.29 -36.75
C GLU A 53 -26.15 14.46 -38.25
N LYS A 54 -26.70 15.59 -38.67
CA LYS A 54 -26.84 15.84 -40.10
C LYS A 54 -25.50 15.88 -40.81
N GLU A 55 -24.49 16.42 -40.11
CA GLU A 55 -23.15 16.54 -40.66
C GLU A 55 -22.36 15.26 -40.55
N GLY A 56 -22.94 14.28 -39.85
CA GLY A 56 -22.31 12.99 -39.69
C GLY A 56 -21.07 12.96 -38.82
N VAL A 57 -21.00 13.85 -37.83
CA VAL A 57 -19.83 13.91 -36.96
C VAL A 57 -20.00 13.34 -35.54
N GLU A 58 -21.01 12.50 -35.31
CA GLU A 58 -21.22 11.97 -33.96
C GLU A 58 -20.06 11.14 -33.39
N HIS A 59 -19.54 10.22 -34.18
CA HIS A 59 -18.43 9.42 -33.69
C HIS A 59 -17.18 10.26 -33.50
N GLN A 60 -16.97 11.27 -34.34
CA GLN A 60 -15.80 12.16 -34.26
C GLN A 60 -15.87 12.89 -32.92
N LEU A 61 -17.04 13.46 -32.63
CA LEU A 61 -17.23 14.18 -31.39
C LEU A 61 -17.06 13.25 -30.22
N ARG A 62 -17.61 12.04 -30.30
CA ARG A 62 -17.46 11.10 -29.19
C ARG A 62 -15.99 10.87 -28.88
N ARG A 63 -15.19 10.69 -29.93
CA ARG A 63 -13.78 10.40 -29.77
C ARG A 63 -13.08 11.60 -29.16
N GLU A 64 -13.38 12.81 -29.61
CA GLU A 64 -12.74 14.00 -29.04
C GLU A 64 -13.04 14.13 -27.55
N ILE A 65 -14.28 13.83 -27.19
CA ILE A 65 -14.67 13.99 -25.79
C ILE A 65 -13.98 12.94 -24.92
N GLU A 66 -13.98 11.71 -25.40
CA GLU A 66 -13.37 10.59 -24.69
C GLU A 66 -11.90 10.92 -24.42
N ILE A 67 -11.21 11.46 -25.40
CA ILE A 67 -9.80 11.79 -25.19
C ILE A 67 -9.62 12.97 -24.24
N GLN A 68 -10.23 14.11 -24.56
CA GLN A 68 -10.04 15.26 -23.71
C GLN A 68 -10.53 15.10 -22.28
N SER A 69 -11.62 14.36 -22.08
CA SER A 69 -12.18 14.25 -20.72
C SER A 69 -11.35 13.40 -19.76
N HIS A 70 -10.38 12.67 -20.31
CA HIS A 70 -9.51 11.81 -19.50
C HIS A 70 -8.07 12.33 -19.37
N LEU A 71 -7.83 13.57 -19.78
CA LEU A 71 -6.50 14.14 -19.66
C LEU A 71 -6.50 15.17 -18.51
N ARG A 72 -5.53 15.09 -17.62
CA ARG A 72 -5.44 16.08 -16.53
C ARG A 72 -4.01 16.62 -16.51
N HIS A 73 -3.82 17.80 -17.07
CA HIS A 73 -2.46 18.40 -17.10
C HIS A 73 -2.65 19.91 -17.12
N PRO A 74 -1.76 20.64 -16.43
CA PRO A 74 -1.86 22.09 -16.36
C PRO A 74 -1.79 22.81 -17.70
N ASN A 75 -1.24 22.15 -18.71
CA ASN A 75 -1.15 22.80 -20.01
C ASN A 75 -2.05 22.16 -21.05
N ILE A 76 -3.09 21.49 -20.57
CA ILE A 76 -4.10 20.91 -21.45
C ILE A 76 -5.43 21.43 -20.89
N LEU A 77 -6.24 22.04 -21.77
CA LEU A 77 -7.51 22.61 -21.31
C LEU A 77 -8.34 21.46 -20.71
N ARG A 78 -8.83 21.64 -19.50
CA ARG A 78 -9.58 20.58 -18.83
C ARG A 78 -11.03 20.50 -19.30
N MET A 79 -11.58 19.28 -19.40
CA MET A 79 -13.02 19.16 -19.66
C MET A 79 -13.48 18.51 -18.35
N TYR A 80 -14.15 19.31 -17.53
CA TYR A 80 -14.59 18.91 -16.20
C TYR A 80 -15.66 17.82 -16.24
N ASN A 81 -16.60 17.98 -17.16
CA ASN A 81 -17.70 17.00 -17.28
C ASN A 81 -18.53 17.46 -18.49
N TYR A 82 -19.67 16.82 -18.72
CA TYR A 82 -20.56 17.17 -19.85
C TYR A 82 -21.95 16.64 -19.55
N PHE A 83 -22.94 17.16 -20.26
CA PHE A 83 -24.32 16.73 -20.04
C PHE A 83 -25.12 17.09 -21.31
N HIS A 84 -26.39 16.70 -21.37
CA HIS A 84 -27.12 17.03 -22.59
C HIS A 84 -28.58 17.17 -22.25
N ASP A 85 -29.31 17.83 -23.13
CA ASP A 85 -30.75 17.93 -22.94
C ASP A 85 -31.41 17.54 -24.23
N ARG A 86 -32.66 17.97 -24.45
CA ARG A 86 -33.36 17.55 -25.64
C ARG A 86 -32.72 17.89 -26.96
N LYS A 87 -32.07 19.06 -27.05
CA LYS A 87 -31.53 19.52 -28.33
C LYS A 87 -30.01 19.76 -28.34
N ARG A 88 -29.41 19.81 -27.16
CA ARG A 88 -28.00 20.17 -27.04
C ARG A 88 -27.10 19.31 -26.17
N ILE A 89 -25.80 19.34 -26.50
CA ILE A 89 -24.76 18.67 -25.71
C ILE A 89 -23.96 19.84 -25.16
N TYR A 90 -23.64 19.77 -23.87
CA TYR A 90 -22.90 20.82 -23.17
C TYR A 90 -21.58 20.27 -22.66
N LEU A 91 -20.46 20.92 -23.00
CA LEU A 91 -19.18 20.48 -22.50
C LEU A 91 -18.74 21.52 -21.50
N MET A 92 -18.38 21.08 -20.28
CA MET A 92 -17.95 21.98 -19.23
C MET A 92 -16.43 22.02 -19.34
N LEU A 93 -15.94 23.19 -19.70
CA LEU A 93 -14.50 23.34 -19.95
C LEU A 93 -13.84 24.39 -19.08
N GLU A 94 -12.55 24.20 -18.87
CA GLU A 94 -11.75 25.16 -18.16
C GLU A 94 -11.76 26.50 -18.94
N PHE A 95 -11.90 27.62 -18.23
CA PHE A 95 -11.88 28.91 -18.91
C PHE A 95 -10.41 29.40 -18.98
N ALA A 96 -9.93 29.74 -20.18
CA ALA A 96 -8.55 30.25 -20.39
C ALA A 96 -8.71 31.75 -20.47
N PRO A 97 -8.49 32.44 -19.35
CA PRO A 97 -8.68 33.90 -19.30
C PRO A 97 -8.00 34.79 -20.31
N ARG A 98 -6.82 34.40 -20.77
CA ARG A 98 -6.13 35.23 -21.72
C ARG A 98 -6.45 34.93 -23.20
N GLY A 99 -7.36 34.00 -23.41
CA GLY A 99 -7.81 33.73 -24.76
C GLY A 99 -6.96 32.98 -25.75
N GLU A 100 -7.22 33.28 -27.02
CA GLU A 100 -6.55 32.59 -28.13
C GLU A 100 -5.09 32.98 -28.30
N LEU A 101 -4.22 31.99 -28.36
CA LEU A 101 -2.82 32.28 -28.57
C LEU A 101 -2.58 32.85 -29.97
N TYR A 102 -3.34 32.41 -30.95
CA TYR A 102 -3.08 32.93 -32.28
C TYR A 102 -3.35 34.44 -32.36
N LYS A 103 -4.31 34.93 -31.59
CA LYS A 103 -4.63 36.37 -31.59
C LYS A 103 -3.48 37.17 -31.00
N GLU A 104 -2.85 36.60 -29.99
CA GLU A 104 -1.73 37.24 -29.35
C GLU A 104 -0.55 37.27 -30.28
N LEU A 105 -0.35 36.16 -31.01
CA LEU A 105 0.77 36.11 -31.92
C LEU A 105 0.53 37.12 -33.06
N GLN A 106 -0.72 37.21 -33.52
CA GLN A 106 -1.05 38.12 -34.62
C GLN A 106 -0.84 39.56 -34.19
N LYS A 107 -1.19 39.82 -32.94
CA LYS A 107 -1.09 41.17 -32.39
C LYS A 107 0.36 41.63 -32.23
N HIS A 108 1.25 40.70 -31.84
CA HIS A 108 2.65 41.03 -31.63
C HIS A 108 3.48 40.79 -32.90
N GLY A 109 2.97 40.01 -33.83
CA GLY A 109 3.75 39.71 -35.03
C GLY A 109 4.65 38.49 -34.79
N ARG A 110 5.43 38.54 -33.72
CA ARG A 110 6.28 37.42 -33.31
C ARG A 110 6.59 37.56 -31.83
N PHE A 111 6.83 36.42 -31.18
CA PHE A 111 7.15 36.39 -29.77
C PHE A 111 8.65 36.44 -29.52
N ASP A 112 9.01 37.02 -28.38
CA ASP A 112 10.43 37.08 -28.05
C ASP A 112 10.86 35.70 -27.58
N GLU A 113 12.13 35.53 -27.30
CA GLU A 113 12.61 34.21 -26.90
C GLU A 113 12.09 33.70 -25.60
N GLN A 114 11.91 34.59 -24.62
CA GLN A 114 11.39 34.14 -23.33
C GLN A 114 10.01 33.56 -23.49
N ARG A 115 9.14 34.32 -24.18
CA ARG A 115 7.78 33.87 -24.40
C ARG A 115 7.74 32.52 -25.15
N SER A 116 8.49 32.46 -26.24
CA SER A 116 8.54 31.27 -27.06
C SER A 116 9.06 30.04 -26.30
N ALA A 117 10.13 30.26 -25.54
CA ALA A 117 10.76 29.15 -24.83
C ALA A 117 9.81 28.64 -23.76
N THR A 118 9.12 29.57 -23.09
CA THR A 118 8.16 29.17 -22.07
C THR A 118 7.05 28.31 -22.68
N PHE A 119 6.50 28.78 -23.80
CA PHE A 119 5.45 28.03 -24.48
C PHE A 119 5.98 26.66 -24.89
N MET A 120 7.21 26.60 -25.39
CA MET A 120 7.75 25.32 -25.83
C MET A 120 7.89 24.31 -24.69
N GLU A 121 8.29 24.80 -23.51
CA GLU A 121 8.44 23.89 -22.38
C GLU A 121 7.05 23.35 -21.98
N GLU A 122 6.06 24.20 -21.98
CA GLU A 122 4.69 23.81 -21.60
C GLU A 122 4.10 22.83 -22.63
N LEU A 123 4.31 23.17 -23.90
CA LEU A 123 3.84 22.30 -24.99
C LEU A 123 4.47 20.93 -24.87
N ALA A 124 5.80 20.90 -24.72
CA ALA A 124 6.50 19.62 -24.63
C ALA A 124 6.05 18.77 -23.44
N ASP A 125 5.81 19.43 -22.32
CA ASP A 125 5.35 18.74 -21.12
C ASP A 125 3.94 18.15 -21.34
N ALA A 126 3.04 18.94 -21.92
CA ALA A 126 1.69 18.44 -22.20
C ALA A 126 1.72 17.34 -23.25
N LEU A 127 2.53 17.50 -24.30
CA LEU A 127 2.60 16.47 -25.32
C LEU A 127 3.20 15.19 -24.73
N HIS A 128 4.15 15.34 -23.82
CA HIS A 128 4.78 14.15 -23.22
C HIS A 128 3.72 13.39 -22.37
N TYR A 129 2.89 14.15 -21.67
CA TYR A 129 1.80 13.55 -20.89
C TYR A 129 0.87 12.78 -21.87
N CYS A 130 0.59 13.37 -23.02
CA CYS A 130 -0.27 12.66 -24.01
C CYS A 130 0.37 11.39 -24.55
N HIS A 131 1.61 11.52 -24.98
CA HIS A 131 2.31 10.39 -25.54
C HIS A 131 2.50 9.24 -24.54
N GLU A 132 2.67 9.57 -23.26
CA GLU A 132 2.80 8.54 -22.21
C GLU A 132 1.49 7.71 -22.13
N ARG A 133 0.40 8.26 -22.66
CA ARG A 133 -0.90 7.59 -22.73
C ARG A 133 -1.26 7.15 -24.15
N LYS A 134 -0.26 7.22 -25.03
CA LYS A 134 -0.43 6.84 -26.43
C LYS A 134 -1.48 7.68 -27.14
N VAL A 135 -1.62 8.93 -26.73
CA VAL A 135 -2.50 9.84 -27.46
C VAL A 135 -1.61 10.69 -28.36
N ILE A 136 -1.89 10.73 -29.66
CA ILE A 136 -1.10 11.59 -30.56
C ILE A 136 -2.05 12.75 -30.85
N HIS A 137 -1.54 13.98 -30.80
CA HIS A 137 -2.36 15.16 -31.03
C HIS A 137 -2.67 15.43 -32.50
N ARG A 138 -1.60 15.49 -33.30
CA ARG A 138 -1.67 15.67 -34.74
C ARG A 138 -2.14 16.97 -35.30
N ASP A 139 -2.34 17.99 -34.47
CA ASP A 139 -2.70 19.26 -35.08
C ASP A 139 -2.22 20.40 -34.23
N ILE A 140 -0.98 20.31 -33.79
CA ILE A 140 -0.47 21.40 -32.98
C ILE A 140 -0.20 22.59 -33.90
N LYS A 141 -0.75 23.74 -33.54
CA LYS A 141 -0.54 25.01 -34.26
C LYS A 141 -1.09 26.07 -33.32
N PRO A 142 -0.73 27.35 -33.54
CA PRO A 142 -1.22 28.42 -32.65
C PRO A 142 -2.71 28.45 -32.41
N GLU A 143 -3.49 28.27 -33.48
CA GLU A 143 -4.93 28.33 -33.37
C GLU A 143 -5.55 27.31 -32.44
N ASN A 144 -4.81 26.25 -32.10
CA ASN A 144 -5.38 25.21 -31.22
C ASN A 144 -4.92 25.34 -29.76
N LEU A 145 -4.35 26.49 -29.45
CA LEU A 145 -3.82 26.76 -28.13
C LEU A 145 -4.48 27.99 -27.49
N LEU A 146 -4.75 27.88 -26.20
CA LEU A 146 -5.34 29.01 -25.46
C LEU A 146 -4.35 29.38 -24.37
N MET A 147 -4.60 30.48 -23.67
CA MET A 147 -3.69 30.94 -22.63
C MET A 147 -4.39 31.14 -21.30
N GLY A 148 -3.73 30.67 -20.23
CA GLY A 148 -4.27 30.77 -18.87
C GLY A 148 -4.08 32.16 -18.24
N TYR A 149 -4.44 32.23 -16.97
CA TYR A 149 -4.36 33.48 -16.21
C TYR A 149 -2.97 34.13 -16.20
N LYS A 150 -1.94 33.28 -16.15
CA LYS A 150 -0.57 33.77 -16.12
C LYS A 150 0.05 33.52 -17.51
N GLY A 151 -0.82 33.40 -18.51
CA GLY A 151 -0.34 33.20 -19.88
C GLY A 151 0.07 31.77 -20.19
N GLU A 152 -0.21 30.83 -19.31
CA GLU A 152 0.22 29.47 -19.60
C GLU A 152 -0.48 28.83 -20.79
N LEU A 153 0.31 28.15 -21.61
CA LEU A 153 -0.24 27.46 -22.78
C LEU A 153 -1.25 26.39 -22.34
N LYS A 154 -2.31 26.23 -23.12
CA LYS A 154 -3.32 25.23 -22.86
C LYS A 154 -3.65 24.62 -24.21
N ILE A 155 -3.38 23.33 -24.38
CA ILE A 155 -3.77 22.71 -25.64
C ILE A 155 -5.28 22.64 -25.53
N ALA A 156 -5.98 23.23 -26.49
CA ALA A 156 -7.41 23.31 -26.34
C ALA A 156 -8.28 22.43 -27.21
N ASP A 157 -7.81 22.13 -28.42
CA ASP A 157 -8.57 21.39 -29.42
C ASP A 157 -7.91 20.02 -29.67
N PHE A 158 -8.69 18.94 -29.75
CA PHE A 158 -8.14 17.58 -29.99
C PHE A 158 -8.87 16.97 -31.22
N GLY A 159 -9.26 17.84 -32.14
CA GLY A 159 -10.03 17.44 -33.31
C GLY A 159 -9.41 16.38 -34.19
N TRP A 160 -8.08 16.37 -34.28
CA TRP A 160 -7.41 15.34 -35.06
C TRP A 160 -6.72 14.27 -34.17
N SER A 161 -6.88 14.35 -32.85
CA SER A 161 -6.20 13.42 -31.97
C SER A 161 -6.67 11.99 -32.04
N VAL A 162 -5.78 11.08 -31.70
CA VAL A 162 -6.12 9.68 -31.73
C VAL A 162 -5.42 8.90 -30.62
N HIS A 163 -6.11 7.93 -30.04
CA HIS A 163 -5.43 7.08 -29.09
C HIS A 163 -4.93 5.95 -30.00
N ALA A 164 -3.61 5.78 -30.11
CA ALA A 164 -3.04 4.78 -31.01
C ALA A 164 -2.16 3.82 -30.20
N PRO A 165 -2.78 2.86 -29.51
CA PRO A 165 -2.09 1.87 -28.68
C PRO A 165 -1.00 1.09 -29.43
N SER A 166 -1.33 0.68 -30.64
CA SER A 166 -0.36 -0.07 -31.36
C SER A 166 -0.19 0.54 -32.70
N LEU A 167 -0.89 -0.06 -33.66
CA LEU A 167 -0.88 0.31 -35.07
C LEU A 167 -0.46 1.73 -35.44
N ARG A 168 0.49 1.82 -36.36
CA ARG A 168 0.91 3.12 -36.84
C ARG A 168 -0.33 3.65 -37.57
N ARG A 169 -0.34 4.93 -37.88
CA ARG A 169 -1.49 5.57 -38.54
C ARG A 169 -1.27 5.89 -39.99
N ARG A 170 -2.39 6.08 -40.68
CA ARG A 170 -2.34 6.38 -42.09
C ARG A 170 -3.02 7.70 -42.46
N TPO A 171 -3.87 8.22 -41.57
CA TPO A 171 -4.63 9.39 -41.93
CB TPO A 171 -5.73 9.64 -40.91
CG2 TPO A 171 -6.77 10.64 -41.38
OG1 TPO A 171 -6.36 8.41 -40.55
P TPO A 171 -6.18 8.22 -39.04
O1P TPO A 171 -7.26 8.61 -38.10
O2P TPO A 171 -4.92 7.58 -38.67
O3P TPO A 171 -6.80 6.91 -39.25
C TPO A 171 -3.73 10.60 -42.08
O TPO A 171 -3.00 11.00 -41.19
N MET A 172 -4.36 11.46 -43.77
CA MET A 172 -3.57 12.67 -43.66
C MET A 172 -4.37 13.62 -42.81
N CYS A 173 -3.72 14.25 -41.86
CA CYS A 173 -4.48 15.21 -41.09
C CYS A 173 -3.59 16.32 -40.54
N GLY A 174 -4.25 17.35 -40.08
CA GLY A 174 -3.48 18.47 -39.54
C GLY A 174 -3.76 19.69 -40.35
N THR A 175 -2.73 20.48 -40.51
CA THR A 175 -2.85 21.75 -41.18
C THR A 175 -1.69 21.88 -42.14
N LEU A 176 -1.97 22.35 -43.36
CA LEU A 176 -0.96 22.44 -44.43
C LEU A 176 0.47 22.75 -44.02
N ASP A 177 0.66 23.95 -43.46
CA ASP A 177 2.01 24.36 -43.11
C ASP A 177 2.66 23.55 -42.05
N TYR A 178 1.87 22.76 -41.33
CA TYR A 178 2.43 21.97 -40.25
C TYR A 178 2.57 20.48 -40.57
N LEU A 179 2.17 20.07 -41.77
CA LEU A 179 2.24 18.64 -42.06
C LEU A 179 3.64 18.09 -42.11
N PRO A 180 3.84 16.92 -41.51
CA PRO A 180 5.18 16.36 -41.56
C PRO A 180 5.40 15.66 -42.90
N PRO A 181 6.66 15.49 -43.28
CA PRO A 181 6.92 14.81 -44.55
C PRO A 181 6.24 13.46 -44.69
N GLU A 182 6.25 12.64 -43.64
CA GLU A 182 5.66 11.34 -43.78
C GLU A 182 4.20 11.36 -44.13
N MET A 183 3.45 12.36 -43.68
CA MET A 183 2.06 12.36 -44.06
C MET A 183 1.97 12.75 -45.54
N ILE A 184 2.76 13.73 -45.94
CA ILE A 184 2.70 14.17 -47.35
C ILE A 184 3.06 13.03 -48.28
N GLU A 185 4.07 12.25 -47.89
CA GLU A 185 4.50 11.14 -48.69
C GLU A 185 3.66 9.86 -48.66
N GLY A 186 2.57 9.87 -47.89
CA GLY A 186 1.71 8.70 -47.80
C GLY A 186 2.25 7.54 -46.98
N LYS A 187 3.21 7.81 -46.10
CA LYS A 187 3.75 6.75 -45.27
C LYS A 187 2.87 6.61 -44.04
N THR A 188 3.12 5.59 -43.23
CA THR A 188 2.37 5.49 -42.01
C THR A 188 3.09 6.50 -41.09
N HIS A 189 2.42 6.94 -40.04
CA HIS A 189 3.06 7.84 -39.09
C HIS A 189 2.77 7.38 -37.67
N ASP A 190 3.49 7.97 -36.72
CA ASP A 190 3.30 7.63 -35.31
C ASP A 190 3.35 8.91 -34.47
N GLU A 191 3.59 8.79 -33.16
CA GLU A 191 3.60 9.96 -32.31
C GLU A 191 4.63 11.00 -32.65
N LYS A 192 5.63 10.61 -33.45
CA LYS A 192 6.66 11.57 -33.75
C LYS A 192 6.17 12.70 -34.64
N VAL A 193 4.98 12.56 -35.22
CA VAL A 193 4.47 13.71 -35.99
C VAL A 193 4.32 14.96 -35.08
N ASP A 194 4.03 14.75 -33.78
CA ASP A 194 3.86 15.92 -32.88
C ASP A 194 5.20 16.61 -32.65
N LEU A 195 6.31 15.85 -32.75
CA LEU A 195 7.65 16.46 -32.58
C LEU A 195 7.88 17.41 -33.75
N TRP A 196 7.55 16.94 -34.95
CA TRP A 196 7.70 17.80 -36.09
C TRP A 196 6.85 19.09 -35.96
N CYS A 197 5.55 18.94 -35.64
CA CYS A 197 4.70 20.12 -35.51
C CYS A 197 5.22 21.06 -34.41
N ALA A 198 5.81 20.51 -33.35
CA ALA A 198 6.37 21.36 -32.30
C ALA A 198 7.51 22.24 -32.86
N GLY A 199 8.28 21.71 -33.82
CA GLY A 199 9.38 22.44 -34.43
C GLY A 199 8.83 23.54 -35.31
N VAL A 200 7.80 23.23 -36.08
CA VAL A 200 7.16 24.26 -36.92
C VAL A 200 6.59 25.36 -35.99
N LEU A 201 5.94 24.93 -34.91
CA LEU A 201 5.36 25.90 -33.96
C LEU A 201 6.42 26.82 -33.39
N CYS A 202 7.55 26.27 -32.95
CA CYS A 202 8.61 27.11 -32.36
C CYS A 202 9.08 28.16 -33.39
N TYR A 203 9.29 27.72 -34.62
CA TYR A 203 9.71 28.64 -35.68
C TYR A 203 8.63 29.73 -35.88
N GLU A 204 7.37 29.32 -36.00
CA GLU A 204 6.31 30.33 -36.22
C GLU A 204 6.22 31.29 -35.04
N PHE A 205 6.41 30.80 -33.81
CA PHE A 205 6.40 31.70 -32.66
C PHE A 205 7.46 32.80 -32.78
N LEU A 206 8.68 32.40 -33.11
CA LEU A 206 9.80 33.32 -33.19
C LEU A 206 9.86 34.19 -34.43
N VAL A 207 9.29 33.71 -35.52
CA VAL A 207 9.38 34.39 -36.81
C VAL A 207 8.06 35.05 -37.19
N GLY A 208 6.95 34.43 -36.80
CA GLY A 208 5.64 34.97 -37.09
C GLY A 208 5.01 34.37 -38.35
N MET A 209 5.75 33.54 -39.09
CA MET A 209 5.25 32.85 -40.30
C MET A 209 5.80 31.40 -40.20
N PRO A 210 5.05 30.39 -40.72
CA PRO A 210 5.55 29.00 -40.68
C PRO A 210 6.76 28.93 -41.65
N PRO A 211 7.68 28.02 -41.39
CA PRO A 211 8.90 27.88 -42.21
C PRO A 211 8.78 27.51 -43.68
N PHE A 212 7.68 26.89 -44.07
CA PHE A 212 7.57 26.42 -45.45
C PHE A 212 6.50 27.14 -46.24
N ASP A 213 6.12 28.32 -45.75
CA ASP A 213 5.11 29.20 -46.37
C ASP A 213 5.42 29.31 -47.86
N SER A 214 4.41 29.06 -48.69
CA SER A 214 4.59 29.13 -50.16
C SER A 214 3.26 29.52 -50.81
N PRO A 215 3.34 30.06 -52.03
CA PRO A 215 2.19 30.53 -52.82
C PRO A 215 1.21 29.40 -53.15
N SER A 216 1.70 28.16 -53.19
CA SER A 216 0.85 27.02 -53.56
C SER A 216 1.04 25.78 -52.70
N HIS A 217 0.00 24.99 -52.59
CA HIS A 217 0.08 23.79 -51.76
C HIS A 217 1.13 22.78 -52.27
N THR A 218 1.39 22.72 -53.57
CA THR A 218 2.41 21.79 -54.02
C THR A 218 3.81 22.35 -53.73
N GLU A 219 3.99 23.67 -53.76
CA GLU A 219 5.30 24.20 -53.42
C GLU A 219 5.54 24.02 -51.91
N THR A 220 4.50 24.17 -51.09
CA THR A 220 4.67 23.98 -49.65
C THR A 220 5.06 22.51 -49.38
N HIS A 221 4.35 21.55 -50.00
CA HIS A 221 4.66 20.13 -49.84
C HIS A 221 6.12 19.89 -50.24
N ARG A 222 6.54 20.48 -51.36
CA ARG A 222 7.90 20.31 -51.81
C ARG A 222 8.91 20.84 -50.80
N ARG A 223 8.61 21.98 -50.17
CA ARG A 223 9.54 22.51 -49.23
C ARG A 223 9.62 21.64 -47.96
N ILE A 224 8.47 21.10 -47.57
CA ILE A 224 8.41 20.27 -46.38
C ILE A 224 9.22 18.99 -46.57
N VAL A 225 8.97 18.28 -47.68
CA VAL A 225 9.68 17.01 -47.86
C VAL A 225 11.16 17.14 -48.12
N ASN A 226 11.61 18.32 -48.52
CA ASN A 226 13.03 18.59 -48.69
C ASN A 226 13.57 19.28 -47.45
N VAL A 227 12.67 19.51 -46.49
CA VAL A 227 13.01 20.24 -45.27
C VAL A 227 13.83 21.49 -45.62
N ASP A 228 13.24 22.31 -46.49
CA ASP A 228 13.84 23.52 -47.01
C ASP A 228 13.75 24.66 -46.01
N LEU A 229 14.44 24.47 -44.89
CA LEU A 229 14.41 25.43 -43.82
C LEU A 229 15.41 26.57 -44.04
N LYS A 230 14.91 27.81 -44.02
CA LYS A 230 15.78 28.96 -44.18
C LYS A 230 15.59 29.85 -42.94
N PHE A 231 16.55 29.85 -42.03
CA PHE A 231 16.39 30.69 -40.83
C PHE A 231 16.70 32.14 -41.03
N PRO A 232 15.78 33.02 -40.59
CA PRO A 232 15.99 34.47 -40.70
C PRO A 232 17.22 34.79 -39.84
N PRO A 233 17.94 35.87 -40.18
CA PRO A 233 19.14 36.31 -39.45
C PRO A 233 18.99 36.67 -37.99
N PHE A 234 17.82 37.14 -37.59
CA PHE A 234 17.66 37.54 -36.20
C PHE A 234 17.53 36.41 -35.18
N LEU A 235 17.26 35.20 -35.62
CA LEU A 235 17.13 34.10 -34.66
C LEU A 235 18.46 33.77 -33.97
N SER A 236 18.36 33.45 -32.68
CA SER A 236 19.54 33.06 -31.90
C SER A 236 20.03 31.66 -32.30
N ASP A 237 21.29 31.38 -32.01
CA ASP A 237 21.80 30.06 -32.34
C ASP A 237 21.06 29.01 -31.56
N GLY A 238 20.70 29.33 -30.31
CA GLY A 238 20.01 28.33 -29.50
C GLY A 238 18.64 27.94 -30.07
N SER A 239 17.87 28.95 -30.48
CA SER A 239 16.56 28.67 -31.01
C SER A 239 16.67 27.88 -32.33
N LYS A 240 17.63 28.24 -33.19
CA LYS A 240 17.80 27.46 -34.42
C LYS A 240 18.21 26.05 -34.12
N ASP A 241 18.99 25.86 -33.05
CA ASP A 241 19.44 24.53 -32.67
C ASP A 241 18.26 23.68 -32.30
N LEU A 242 17.34 24.21 -31.50
CA LEU A 242 16.16 23.43 -31.12
C LEU A 242 15.25 23.13 -32.35
N ILE A 243 14.98 24.16 -33.12
CA ILE A 243 14.10 23.96 -34.31
C ILE A 243 14.69 22.90 -35.26
N SER A 244 15.99 23.02 -35.53
CA SER A 244 16.66 22.09 -36.42
C SER A 244 16.59 20.68 -35.91
N LYS A 245 16.65 20.53 -34.59
CA LYS A 245 16.61 19.21 -34.01
C LYS A 245 15.23 18.56 -34.03
N LEU A 246 14.19 19.39 -34.09
CA LEU A 246 12.83 18.87 -34.18
C LEU A 246 12.41 18.64 -35.67
N LEU A 247 12.83 19.54 -36.56
CA LEU A 247 12.43 19.44 -37.97
C LEU A 247 13.36 18.53 -38.76
N ARG A 248 13.39 17.26 -38.38
CA ARG A 248 14.21 16.27 -39.06
C ARG A 248 13.31 15.44 -40.00
N TYR A 249 13.81 15.17 -41.19
CA TYR A 249 13.06 14.38 -42.14
C TYR A 249 12.67 13.01 -41.55
N HIS A 250 13.65 12.35 -40.92
CA HIS A 250 13.39 11.01 -40.39
C HIS A 250 12.78 11.09 -39.01
N PRO A 251 11.56 10.60 -38.85
CA PRO A 251 10.92 10.68 -37.52
C PRO A 251 11.77 10.23 -36.32
N PRO A 252 12.43 9.07 -36.42
CA PRO A 252 13.27 8.57 -35.32
C PRO A 252 14.42 9.50 -34.92
N GLN A 253 14.80 10.42 -35.82
CA GLN A 253 15.89 11.33 -35.48
C GLN A 253 15.45 12.63 -34.81
N ARG A 254 14.14 12.81 -34.67
CA ARG A 254 13.64 14.06 -34.09
C ARG A 254 13.89 14.06 -32.61
N LEU A 255 14.21 15.24 -32.10
CA LEU A 255 14.50 15.44 -30.67
C LEU A 255 13.28 15.01 -29.86
N PRO A 256 13.46 14.11 -28.86
CA PRO A 256 12.31 13.67 -28.05
C PRO A 256 11.74 14.80 -27.23
N LEU A 257 10.51 14.64 -26.77
CA LEU A 257 9.88 15.71 -25.99
C LEU A 257 10.67 16.02 -24.73
N LYS A 258 11.22 15.00 -24.09
CA LYS A 258 12.01 15.27 -22.87
C LYS A 258 13.24 16.08 -23.28
N GLY A 259 13.77 15.79 -24.48
CA GLY A 259 14.90 16.56 -25.02
C GLY A 259 14.57 18.03 -25.25
N VAL A 260 13.32 18.32 -25.66
CA VAL A 260 12.91 19.69 -25.82
C VAL A 260 12.90 20.41 -24.43
N MET A 261 12.32 19.75 -23.45
CA MET A 261 12.25 20.32 -22.09
C MET A 261 13.65 20.58 -21.49
N GLU A 262 14.62 19.73 -21.84
CA GLU A 262 16.01 19.82 -21.33
C GLU A 262 16.92 20.63 -22.23
N HIS A 263 16.42 21.08 -23.37
CA HIS A 263 17.28 21.81 -24.29
C HIS A 263 17.82 23.08 -23.63
N PRO A 264 19.16 23.37 -23.77
CA PRO A 264 19.71 24.58 -23.13
C PRO A 264 18.98 25.87 -23.41
N TRP A 265 18.47 26.04 -24.64
CA TRP A 265 17.76 27.26 -24.99
C TRP A 265 16.45 27.36 -24.22
N VAL A 266 15.76 26.23 -24.06
CA VAL A 266 14.54 26.25 -23.27
C VAL A 266 14.91 26.54 -21.79
N LYS A 267 15.92 25.85 -21.27
CA LYS A 267 16.29 26.11 -19.87
C LYS A 267 16.69 27.57 -19.58
N ALA A 268 17.43 28.14 -20.51
CA ALA A 268 17.92 29.49 -20.35
C ALA A 268 16.89 30.58 -20.48
N ASN A 269 15.85 30.31 -21.25
CA ASN A 269 14.84 31.32 -21.54
C ASN A 269 13.44 31.14 -20.99
N SER A 270 13.04 29.90 -20.73
CA SER A 270 11.71 29.68 -20.21
C SER A 270 11.50 30.26 -18.82
N ARG A 271 10.31 30.85 -18.61
CA ARG A 271 9.92 31.38 -17.29
C ARG A 271 8.62 30.68 -16.91
N ARG A 272 8.58 29.38 -17.13
CA ARG A 272 7.37 28.65 -16.88
C ARG A 272 7.01 28.59 -15.39
N VAL A 273 5.73 28.82 -15.10
CA VAL A 273 5.28 28.71 -13.71
C VAL A 273 4.11 27.72 -13.69
N LEU A 274 4.12 26.76 -12.75
CA LEU A 274 3.03 25.77 -12.63
C LEU A 274 1.91 26.42 -11.83
N PRO A 275 0.68 26.34 -12.32
CA PRO A 275 -0.42 26.96 -11.57
C PRO A 275 -0.61 26.29 -10.20
N PRO A 276 -1.20 27.03 -9.24
CA PRO A 276 -1.46 26.48 -7.91
C PRO A 276 -2.44 25.29 -8.10
N VAL A 277 -2.27 24.28 -7.26
CA VAL A 277 -3.11 23.09 -7.31
C VAL A 277 -3.95 23.05 -6.03
N TYR A 278 -5.14 22.46 -6.10
CA TYR A 278 -5.98 22.38 -4.91
C TYR A 278 -5.21 21.77 -3.72
N GLN A 279 -5.24 22.33 -2.60
N THR B 1 35.17 -47.56 37.10
CA THR B 1 36.54 -48.16 37.15
C THR B 1 37.60 -47.06 37.26
N ALA B 2 38.82 -47.46 37.55
CA ALA B 2 39.94 -46.53 37.74
C ALA B 2 40.53 -45.97 36.45
N LEU B 3 40.02 -46.42 35.31
CA LEU B 3 40.52 -45.94 34.03
C LEU B 3 39.40 -45.37 33.17
N ALA B 4 38.17 -45.39 33.68
CA ALA B 4 37.00 -44.87 32.97
C ALA B 4 37.22 -43.38 32.69
N GLU B 5 36.69 -42.93 31.56
CA GLU B 5 36.81 -41.54 31.18
C GLU B 5 36.19 -40.60 32.25
N MET B 6 36.90 -39.53 32.60
CA MET B 6 36.43 -38.59 33.61
C MET B 6 35.13 -37.92 33.13
N PRO B 7 34.11 -37.82 34.01
CA PRO B 7 32.84 -37.20 33.62
C PRO B 7 32.93 -35.72 33.39
N LYS B 8 32.16 -35.24 32.42
CA LYS B 8 32.16 -33.81 32.14
C LYS B 8 31.47 -33.04 33.27
N ARG B 9 31.81 -31.76 33.39
CA ARG B 9 31.22 -30.93 34.42
C ARG B 9 29.74 -30.69 34.11
N LYS B 10 28.96 -30.51 35.16
CA LYS B 10 27.55 -30.19 35.00
C LYS B 10 27.36 -28.96 35.84
N PHE B 11 26.24 -28.25 35.63
CA PHE B 11 26.00 -27.13 36.47
C PHE B 11 25.74 -27.59 37.90
N THR B 12 25.98 -26.65 38.80
CA THR B 12 25.85 -26.87 40.22
C THR B 12 25.18 -25.64 40.83
N ILE B 13 24.58 -25.76 42.02
CA ILE B 13 23.93 -24.59 42.65
C ILE B 13 24.95 -23.48 42.90
N ASP B 14 26.22 -23.84 43.04
CA ASP B 14 27.22 -22.82 43.27
C ASP B 14 27.54 -21.98 42.04
N ASP B 15 26.95 -22.36 40.91
CA ASP B 15 27.20 -21.59 39.68
C ASP B 15 26.29 -20.41 39.60
N PHE B 16 25.46 -20.20 40.61
CA PHE B 16 24.48 -19.10 40.54
C PHE B 16 24.36 -18.19 41.76
N ASP B 17 24.01 -16.93 41.53
CA ASP B 17 23.68 -16.01 42.62
C ASP B 17 22.16 -16.12 42.60
N ILE B 18 21.56 -16.37 43.75
CA ILE B 18 20.12 -16.56 43.82
C ILE B 18 19.38 -15.35 44.35
N GLY B 19 18.30 -15.01 43.66
CA GLY B 19 17.48 -13.89 44.08
C GLY B 19 16.25 -14.44 44.76
N ARG B 20 15.17 -13.69 44.68
CA ARG B 20 13.92 -14.04 45.32
C ARG B 20 13.04 -14.91 44.44
N PRO B 21 12.04 -15.55 45.07
CA PRO B 21 11.15 -16.38 44.29
C PRO B 21 10.46 -15.42 43.32
N LEU B 22 10.06 -15.94 42.19
CA LEU B 22 9.39 -15.14 41.20
C LEU B 22 7.97 -15.50 41.43
N GLY B 23 7.80 -16.84 41.43
CA GLY B 23 6.51 -17.51 41.56
C GLY B 23 6.55 -19.01 41.92
N LYS B 24 5.47 -19.76 41.65
CA LYS B 24 5.36 -21.16 42.11
C LYS B 24 5.93 -22.46 41.46
N GLY B 28 8.88 -26.47 42.81
CA GLY B 28 7.76 -25.57 42.96
C GLY B 28 8.21 -24.13 42.76
N ASN B 29 8.88 -23.61 43.75
CA ASN B 29 9.39 -22.30 43.67
C ASN B 29 10.42 -22.14 42.62
N VAL B 30 10.31 -21.00 42.00
CA VAL B 30 11.17 -20.62 40.89
C VAL B 30 11.82 -19.32 41.35
N TYR B 31 13.13 -19.30 41.32
CA TYR B 31 13.85 -18.14 41.80
C TYR B 31 14.56 -17.35 40.71
N LEU B 32 14.63 -16.04 40.86
CA LEU B 32 15.40 -15.26 39.90
C LEU B 32 16.84 -15.69 40.23
N ALA B 33 17.66 -15.89 39.21
CA ALA B 33 19.03 -16.34 39.46
C ALA B 33 19.97 -15.71 38.45
N ARG B 34 21.22 -15.51 38.82
CA ARG B 34 22.19 -14.96 37.89
C ARG B 34 23.30 -16.00 37.77
N GLU B 35 23.52 -16.52 36.56
CA GLU B 35 24.57 -17.51 36.34
C GLU B 35 25.87 -16.70 36.36
N LYS B 36 26.78 -17.03 37.27
CA LYS B 36 28.00 -16.25 37.50
C LYS B 36 28.98 -16.05 36.37
N GLN B 37 29.31 -17.13 35.67
CA GLN B 37 30.30 -17.06 34.60
C GLN B 37 29.90 -16.02 33.54
N ASN B 38 28.64 -16.03 33.15
CA ASN B 38 28.21 -15.07 32.15
C ASN B 38 27.38 -13.92 32.67
N LYS B 39 27.24 -13.77 33.99
CA LYS B 39 26.44 -12.72 34.59
C LYS B 39 25.11 -12.65 33.83
N PHE B 40 24.53 -13.83 33.57
CA PHE B 40 23.28 -14.02 32.81
C PHE B 40 22.09 -14.34 33.72
N ILE B 41 21.05 -13.51 33.66
CA ILE B 41 19.89 -13.67 34.50
C ILE B 41 18.93 -14.68 33.92
N MET B 42 18.50 -15.63 34.76
CA MET B 42 17.57 -16.67 34.33
C MET B 42 16.70 -17.05 35.53
N ALA B 43 15.90 -18.07 35.40
CA ALA B 43 15.05 -18.48 36.53
C ALA B 43 15.51 -19.86 36.87
N LEU B 44 15.44 -20.22 38.15
CA LEU B 44 15.87 -21.55 38.56
C LEU B 44 14.70 -22.17 39.31
N LYS B 45 14.14 -23.23 38.74
CA LYS B 45 13.01 -23.87 39.40
C LYS B 45 13.61 -24.99 40.26
N VAL B 46 13.26 -25.00 41.53
CA VAL B 46 13.78 -25.99 42.48
C VAL B 46 12.67 -26.96 42.90
N LEU B 47 12.91 -28.25 42.63
CA LEU B 47 11.95 -29.29 42.97
C LEU B 47 12.56 -30.23 44.01
N PHE B 48 11.72 -30.64 44.95
CA PHE B 48 12.18 -31.55 46.00
C PHE B 48 11.81 -32.98 45.60
N LYS B 49 12.85 -33.82 45.48
CA LYS B 49 12.72 -35.21 45.07
C LYS B 49 11.70 -35.95 45.91
N SER B 50 11.73 -35.71 47.21
CA SER B 50 10.79 -36.36 48.13
C SER B 50 9.34 -35.96 47.81
N GLN B 51 9.10 -34.69 47.49
CA GLN B 51 7.76 -34.22 47.17
C GLN B 51 7.26 -34.73 45.83
N LEU B 52 8.16 -34.91 44.87
CA LEU B 52 7.75 -35.43 43.58
C LEU B 52 7.23 -36.85 43.75
N GLU B 53 7.95 -37.65 44.54
CA GLU B 53 7.54 -39.03 44.76
C GLU B 53 6.23 -39.14 45.55
N LYS B 54 5.99 -38.19 46.46
CA LYS B 54 4.78 -38.19 47.28
C LYS B 54 3.54 -37.75 46.53
N GLU B 55 3.71 -36.87 45.54
CA GLU B 55 2.57 -36.44 44.75
C GLU B 55 2.47 -37.40 43.59
N GLY B 56 3.51 -38.24 43.46
CA GLY B 56 3.57 -39.21 42.37
C GLY B 56 3.56 -38.55 40.99
N VAL B 57 4.45 -37.57 40.77
CA VAL B 57 4.50 -36.88 39.47
C VAL B 57 5.90 -37.00 38.87
N GLU B 58 6.63 -37.98 39.35
CA GLU B 58 8.00 -38.24 38.92
C GLU B 58 8.07 -38.57 37.41
N HIS B 59 7.16 -39.40 36.93
CA HIS B 59 7.20 -39.75 35.51
C HIS B 59 6.73 -38.61 34.66
N GLN B 60 5.84 -37.79 35.19
CA GLN B 60 5.37 -36.63 34.45
C GLN B 60 6.53 -35.63 34.29
N LEU B 61 7.33 -35.47 35.35
CA LEU B 61 8.46 -34.53 35.27
C LEU B 61 9.48 -35.00 34.26
N ARG B 62 9.79 -36.30 34.28
CA ARG B 62 10.80 -36.81 33.37
C ARG B 62 10.37 -36.53 31.95
N ARG B 63 9.08 -36.72 31.68
CA ARG B 63 8.61 -36.50 30.32
C ARG B 63 8.66 -35.01 29.96
N GLU B 64 8.31 -34.15 30.91
CA GLU B 64 8.34 -32.68 30.67
C GLU B 64 9.77 -32.17 30.41
N ILE B 65 10.74 -32.67 31.18
CA ILE B 65 12.13 -32.20 30.99
C ILE B 65 12.63 -32.68 29.67
N GLU B 66 12.31 -33.94 29.35
CA GLU B 66 12.75 -34.55 28.13
C GLU B 66 12.27 -33.72 26.92
N ILE B 67 11.01 -33.30 26.98
CA ILE B 67 10.47 -32.52 25.89
C ILE B 67 11.00 -31.09 25.83
N GLN B 68 10.89 -30.38 26.94
CA GLN B 68 11.26 -28.96 26.95
C GLN B 68 12.75 -28.70 26.76
N SER B 69 13.58 -29.65 27.19
CA SER B 69 15.04 -29.47 27.12
C SER B 69 15.55 -29.39 25.69
N HIS B 70 14.74 -29.86 24.75
CA HIS B 70 15.13 -29.87 23.35
C HIS B 70 14.46 -28.85 22.45
N LEU B 71 13.56 -28.05 22.98
CA LEU B 71 12.88 -27.07 22.10
C LEU B 71 13.62 -25.74 22.17
N ARG B 72 13.95 -25.17 21.01
CA ARG B 72 14.69 -23.93 20.98
C ARG B 72 13.97 -23.04 19.98
N HIS B 73 13.05 -22.21 20.46
CA HIS B 73 12.27 -21.34 19.61
C HIS B 73 12.04 -20.04 20.42
N PRO B 74 12.00 -18.88 19.76
CA PRO B 74 11.80 -17.60 20.46
C PRO B 74 10.52 -17.42 21.21
N ASN B 75 9.53 -18.25 20.88
CA ASN B 75 8.26 -18.14 21.56
C ASN B 75 7.97 -19.36 22.40
N ILE B 76 9.04 -20.08 22.78
CA ILE B 76 8.89 -21.22 23.71
C ILE B 76 9.89 -20.92 24.82
N LEU B 77 9.42 -20.94 26.08
CA LEU B 77 10.31 -20.68 27.21
C LEU B 77 11.42 -21.72 27.21
N ARG B 78 12.67 -21.23 27.12
CA ARG B 78 13.78 -22.12 27.02
C ARG B 78 14.18 -22.82 28.34
N MET B 79 14.49 -24.10 28.26
CA MET B 79 15.04 -24.79 29.44
C MET B 79 16.55 -24.90 29.03
N TYR B 80 17.41 -24.08 29.63
CA TYR B 80 18.85 -24.02 29.25
C TYR B 80 19.59 -25.32 29.56
N ASN B 81 19.31 -25.85 30.73
CA ASN B 81 19.94 -27.09 31.18
C ASN B 81 19.26 -27.42 32.52
N TYR B 82 19.78 -28.46 33.20
CA TYR B 82 19.23 -28.88 34.48
C TYR B 82 20.29 -29.69 35.23
N PHE B 83 20.08 -29.85 36.54
CA PHE B 83 21.01 -30.60 37.37
C PHE B 83 20.31 -31.05 38.63
N HIS B 84 21.03 -31.80 39.46
CA HIS B 84 20.37 -32.20 40.70
C HIS B 84 21.38 -32.48 41.78
N ASP B 85 20.89 -32.54 42.99
CA ASP B 85 21.79 -32.91 44.08
C ASP B 85 21.05 -33.99 44.86
N ARG B 86 21.54 -34.32 46.05
CA ARG B 86 20.94 -35.34 46.89
C ARG B 86 19.42 -35.26 46.95
N LYS B 87 18.86 -34.11 47.28
CA LYS B 87 17.42 -34.09 47.36
C LYS B 87 16.62 -33.12 46.50
N ARG B 88 17.30 -32.44 45.56
CA ARG B 88 16.60 -31.47 44.71
C ARG B 88 16.95 -31.60 43.25
N ILE B 89 16.02 -31.19 42.40
CA ILE B 89 16.24 -31.21 40.97
C ILE B 89 16.12 -29.73 40.61
N TYR B 90 17.05 -29.23 39.79
CA TYR B 90 17.05 -27.82 39.42
C TYR B 90 16.91 -27.67 37.90
N LEU B 91 16.01 -26.80 37.47
CA LEU B 91 15.80 -26.57 36.06
C LEU B 91 16.19 -25.14 35.79
N MET B 92 17.09 -24.94 34.82
CA MET B 92 17.54 -23.60 34.44
C MET B 92 16.62 -23.17 33.33
N LEU B 93 15.80 -22.17 33.61
CA LEU B 93 14.80 -21.73 32.65
C LEU B 93 14.98 -20.28 32.25
N GLU B 94 14.50 -19.96 31.06
CA GLU B 94 14.53 -18.58 30.57
C GLU B 94 13.67 -17.67 31.48
N PHE B 95 14.18 -16.47 31.81
CA PHE B 95 13.40 -15.55 32.59
C PHE B 95 12.52 -14.75 31.59
N ALA B 96 11.20 -14.70 31.86
CA ALA B 96 10.22 -13.96 31.05
C ALA B 96 9.91 -12.72 31.90
N PRO B 97 10.60 -11.60 31.62
CA PRO B 97 10.47 -10.34 32.37
C PRO B 97 9.11 -9.74 32.52
N ARG B 98 8.24 -9.93 31.54
CA ARG B 98 6.93 -9.34 31.70
C ARG B 98 5.90 -10.26 32.37
N GLY B 99 6.33 -11.45 32.78
CA GLY B 99 5.47 -12.29 33.57
C GLY B 99 4.31 -13.00 32.94
N GLU B 100 3.29 -13.22 33.77
CA GLU B 100 2.15 -14.05 33.35
C GLU B 100 1.20 -13.37 32.39
N LEU B 101 0.95 -14.04 31.28
CA LEU B 101 0.07 -13.42 30.29
C LEU B 101 -1.36 -13.36 30.85
N TYR B 102 -1.71 -14.33 31.67
CA TYR B 102 -3.08 -14.37 32.22
C TYR B 102 -3.38 -13.11 33.07
N LYS B 103 -2.39 -12.61 33.80
CA LYS B 103 -2.62 -11.44 34.65
C LYS B 103 -2.80 -10.19 33.78
N GLU B 104 -2.09 -10.16 32.68
CA GLU B 104 -2.18 -9.05 31.76
C GLU B 104 -3.59 -9.04 31.12
N LEU B 105 -4.10 -10.23 30.78
CA LEU B 105 -5.45 -10.29 30.20
C LEU B 105 -6.51 -9.80 31.19
N GLN B 106 -6.40 -10.25 32.45
CA GLN B 106 -7.38 -9.85 33.46
C GLN B 106 -7.27 -8.36 33.71
N LYS B 107 -6.04 -7.86 33.68
CA LYS B 107 -5.83 -6.45 33.90
C LYS B 107 -6.50 -5.61 32.80
N HIS B 108 -6.34 -6.03 31.56
CA HIS B 108 -6.92 -5.31 30.43
C HIS B 108 -8.38 -5.66 30.08
N GLY B 109 -8.88 -6.77 30.59
CA GLY B 109 -10.24 -7.18 30.23
C GLY B 109 -10.17 -7.98 28.96
N ARG B 110 -9.72 -7.37 27.88
CA ARG B 110 -9.54 -8.11 26.62
C ARG B 110 -8.42 -7.40 25.88
N PHE B 111 -7.72 -8.12 25.00
CA PHE B 111 -6.64 -7.52 24.23
C PHE B 111 -7.18 -6.94 22.91
N ASP B 112 -6.52 -5.90 22.40
CA ASP B 112 -6.93 -5.31 21.11
C ASP B 112 -6.46 -6.23 19.99
N GLU B 113 -6.84 -5.92 18.75
CA GLU B 113 -6.54 -6.85 17.64
C GLU B 113 -5.08 -6.96 17.31
N GLN B 114 -4.33 -5.88 17.46
CA GLN B 114 -2.88 -5.99 17.17
C GLN B 114 -2.18 -6.89 18.20
N ARG B 115 -2.46 -6.66 19.48
CA ARG B 115 -1.87 -7.49 20.51
C ARG B 115 -2.28 -8.97 20.29
N SER B 116 -3.56 -9.20 20.01
CA SER B 116 -4.03 -10.57 19.85
C SER B 116 -3.47 -11.23 18.60
N ALA B 117 -3.46 -10.50 17.48
CA ALA B 117 -2.91 -11.13 16.28
C ALA B 117 -1.43 -11.43 16.39
N THR B 118 -0.70 -10.55 17.08
CA THR B 118 0.73 -10.80 17.28
C THR B 118 0.93 -12.09 18.09
N PHE B 119 0.15 -12.23 19.17
CA PHE B 119 0.29 -13.44 19.99
C PHE B 119 -0.05 -14.66 19.14
N MET B 120 -1.06 -14.54 18.28
CA MET B 120 -1.48 -15.70 17.46
C MET B 120 -0.38 -16.11 16.46
N GLU B 121 0.25 -15.14 15.83
CA GLU B 121 1.34 -15.50 14.92
C GLU B 121 2.47 -16.22 15.70
N GLU B 122 2.86 -15.66 16.85
CA GLU B 122 3.91 -16.27 17.73
C GLU B 122 3.49 -17.67 18.17
N LEU B 123 2.26 -17.79 18.66
CA LEU B 123 1.78 -19.08 19.08
C LEU B 123 1.78 -20.13 17.94
N ALA B 124 1.26 -19.76 16.77
CA ALA B 124 1.19 -20.71 15.66
C ALA B 124 2.60 -21.11 15.19
N ASP B 125 3.52 -20.16 15.25
CA ASP B 125 4.92 -20.44 14.83
C ASP B 125 5.53 -21.44 15.85
N ALA B 126 5.34 -21.19 17.14
CA ALA B 126 5.89 -22.10 18.18
C ALA B 126 5.25 -23.48 18.08
N LEU B 127 3.93 -23.51 17.90
CA LEU B 127 3.24 -24.80 17.82
C LEU B 127 3.69 -25.57 16.59
N HIS B 128 3.86 -24.86 15.47
CA HIS B 128 4.30 -25.54 14.26
C HIS B 128 5.69 -26.18 14.48
N TYR B 129 6.54 -25.44 15.20
CA TYR B 129 7.88 -25.94 15.53
C TYR B 129 7.72 -27.22 16.38
N CYS B 130 6.82 -27.20 17.36
CA CYS B 130 6.59 -28.41 18.17
C CYS B 130 6.09 -29.56 17.32
N HIS B 131 5.09 -29.32 16.46
CA HIS B 131 4.53 -30.43 15.68
C HIS B 131 5.54 -31.05 14.71
N GLU B 132 6.46 -30.25 14.23
CA GLU B 132 7.48 -30.79 13.33
C GLU B 132 8.28 -31.85 14.05
N ARG B 133 8.43 -31.65 15.37
CA ARG B 133 9.18 -32.56 16.22
C ARG B 133 8.30 -33.61 16.92
N LYS B 134 7.08 -33.73 16.44
CA LYS B 134 6.07 -34.65 16.92
C LYS B 134 5.74 -34.39 18.36
N VAL B 135 5.80 -33.12 18.76
CA VAL B 135 5.47 -32.78 20.12
C VAL B 135 4.09 -32.11 20.12
N ILE B 136 3.13 -32.66 20.88
CA ILE B 136 1.80 -32.05 20.95
C ILE B 136 1.76 -31.37 22.34
N HIS B 137 1.30 -30.12 22.41
CA HIS B 137 1.31 -29.41 23.68
C HIS B 137 0.16 -29.85 24.60
N ARG B 138 -1.04 -29.87 24.05
CA ARG B 138 -2.24 -30.33 24.77
C ARG B 138 -2.81 -29.47 25.90
N ASP B 139 -2.20 -28.34 26.23
CA ASP B 139 -2.81 -27.51 27.24
C ASP B 139 -2.56 -26.03 26.97
N ILE B 140 -2.77 -25.60 25.74
CA ILE B 140 -2.54 -24.18 25.48
C ILE B 140 -3.73 -23.44 26.12
N LYS B 141 -3.41 -22.45 26.95
CA LYS B 141 -4.41 -21.61 27.63
C LYS B 141 -3.61 -20.42 28.20
N PRO B 142 -4.27 -19.32 28.55
CA PRO B 142 -3.53 -18.16 29.07
C PRO B 142 -2.54 -18.43 30.20
N GLU B 143 -2.98 -19.24 31.15
CA GLU B 143 -2.16 -19.53 32.32
C GLU B 143 -0.86 -20.24 32.03
N ASN B 144 -0.74 -20.78 30.82
CA ASN B 144 0.49 -21.48 30.47
C ASN B 144 1.41 -20.66 29.58
N LEU B 145 1.15 -19.35 29.49
CA LEU B 145 1.94 -18.50 28.63
C LEU B 145 2.56 -17.37 29.44
N LEU B 146 3.81 -17.06 29.12
CA LEU B 146 4.52 -15.95 29.78
C LEU B 146 4.89 -14.93 28.71
N MET B 147 5.43 -13.78 29.14
CA MET B 147 5.77 -12.74 28.20
C MET B 147 7.20 -12.26 28.33
N GLY B 148 7.84 -12.14 27.16
CA GLY B 148 9.23 -11.70 27.07
C GLY B 148 9.38 -10.20 27.28
N TYR B 149 10.64 -9.76 27.23
CA TYR B 149 10.98 -8.34 27.44
C TYR B 149 10.17 -7.38 26.55
N LYS B 150 9.91 -7.76 25.29
CA LYS B 150 9.10 -6.90 24.42
C LYS B 150 7.70 -7.45 24.28
N GLY B 151 7.28 -8.21 25.28
CA GLY B 151 5.94 -8.75 25.28
C GLY B 151 5.72 -9.99 24.44
N GLU B 152 6.80 -10.54 23.87
CA GLU B 152 6.62 -11.73 23.03
C GLU B 152 6.07 -12.92 23.79
N LEU B 153 5.16 -13.65 23.15
CA LEU B 153 4.58 -14.80 23.81
C LEU B 153 5.62 -15.89 24.05
N LYS B 154 5.54 -16.55 25.20
CA LYS B 154 6.43 -17.66 25.54
C LYS B 154 5.58 -18.84 26.04
N ILE B 155 5.52 -19.95 25.28
CA ILE B 155 4.79 -21.12 25.78
C ILE B 155 5.64 -21.62 26.94
N ALA B 156 5.07 -21.65 28.13
CA ALA B 156 5.89 -21.93 29.29
C ALA B 156 5.74 -23.17 30.11
N ASP B 157 4.62 -23.86 29.98
CA ASP B 157 4.36 -25.02 30.84
C ASP B 157 4.08 -26.17 29.90
N PHE B 158 4.85 -27.25 29.98
CA PHE B 158 4.67 -28.39 29.07
C PHE B 158 4.24 -29.62 29.87
N GLY B 159 3.54 -29.37 30.96
CA GLY B 159 3.12 -30.43 31.87
C GLY B 159 2.24 -31.55 31.31
N TRP B 160 1.55 -31.28 30.23
CA TRP B 160 0.71 -32.30 29.63
C TRP B 160 1.10 -32.57 28.20
N SER B 161 2.29 -32.08 27.83
CA SER B 161 2.78 -32.26 26.46
C SER B 161 3.31 -33.67 26.27
N VAL B 162 3.35 -34.11 25.03
CA VAL B 162 3.80 -35.46 24.80
C VAL B 162 4.52 -35.54 23.46
N HIS B 163 5.58 -36.36 23.43
CA HIS B 163 6.26 -36.59 22.18
C HIS B 163 5.53 -37.83 21.61
N ALA B 164 4.90 -37.67 20.45
CA ALA B 164 4.06 -38.72 19.87
C ALA B 164 4.45 -39.04 18.44
N PRO B 165 5.43 -39.92 18.28
CA PRO B 165 5.94 -40.36 16.98
C PRO B 165 4.80 -40.64 15.99
N SER B 166 3.76 -41.34 16.43
CA SER B 166 2.62 -41.66 15.55
C SER B 166 1.51 -40.59 15.54
N LEU B 167 1.66 -39.60 16.41
CA LEU B 167 0.69 -38.52 16.54
C LEU B 167 -0.72 -38.97 16.89
N ARG B 168 -0.84 -40.11 17.56
CA ARG B 168 -2.16 -40.57 18.04
C ARG B 168 -2.03 -40.93 19.52
N ARG B 169 -2.82 -40.28 20.38
CA ARG B 169 -2.74 -40.50 21.82
C ARG B 169 -4.13 -40.58 22.41
N ARG B 170 -4.23 -41.09 23.63
CA ARG B 170 -5.56 -41.15 24.22
C ARG B 170 -5.69 -40.58 25.60
N TPO B 171 -4.62 -39.98 26.11
CA TPO B 171 -4.65 -39.41 27.44
CB TPO B 171 -3.28 -39.00 27.95
CG2 TPO B 171 -3.33 -38.42 29.38
OG1 TPO B 171 -2.41 -40.14 27.90
P TPO B 171 -1.19 -39.78 27.09
O1P TPO B 171 0.04 -39.35 27.80
O2P TPO B 171 -1.40 -39.81 25.64
O3P TPO B 171 -0.83 -41.22 27.18
C TPO B 171 -5.57 -38.18 27.50
O TPO B 171 -5.51 -37.23 26.75
N MET B 172 -6.74 -38.26 28.71
CA MET B 172 -7.60 -37.12 28.88
C MET B 172 -6.74 -36.08 29.61
N CYS B 173 -6.51 -34.95 28.97
CA CYS B 173 -5.75 -33.90 29.66
C CYS B 173 -6.10 -32.55 29.05
N GLY B 174 -5.72 -31.50 29.75
CA GLY B 174 -6.04 -30.18 29.23
C GLY B 174 -6.77 -29.40 30.31
N THR B 175 -7.61 -28.47 29.89
CA THR B 175 -8.35 -27.62 30.81
C THR B 175 -9.79 -27.55 30.29
N LEU B 176 -10.79 -27.74 31.18
CA LEU B 176 -12.20 -27.82 30.74
C LEU B 176 -12.66 -26.88 29.63
N ASP B 177 -12.53 -25.56 29.85
CA ASP B 177 -13.01 -24.64 28.82
C ASP B 177 -12.33 -24.70 27.46
N TYR B 178 -11.11 -25.25 27.43
CA TYR B 178 -10.31 -25.35 26.22
C TYR B 178 -10.31 -26.75 25.57
N LEU B 179 -10.95 -27.72 26.18
CA LEU B 179 -10.86 -29.11 25.62
C LEU B 179 -11.50 -29.22 24.24
N PRO B 180 -10.78 -29.84 23.30
CA PRO B 180 -11.32 -30.03 21.95
C PRO B 180 -12.43 -31.09 22.13
N PRO B 181 -13.38 -31.13 21.18
CA PRO B 181 -14.47 -32.13 21.29
C PRO B 181 -13.95 -33.57 21.42
N GLU B 182 -12.91 -33.94 20.65
CA GLU B 182 -12.42 -35.28 20.72
C GLU B 182 -11.80 -35.62 22.07
N MET B 183 -11.29 -34.61 22.79
CA MET B 183 -10.72 -34.84 24.10
C MET B 183 -11.85 -35.10 25.09
N ILE B 184 -12.83 -34.21 25.06
CA ILE B 184 -13.91 -34.34 26.00
C ILE B 184 -14.75 -35.59 25.74
N GLU B 185 -14.78 -36.05 24.48
CA GLU B 185 -15.51 -37.27 24.10
C GLU B 185 -14.71 -38.56 24.24
N GLY B 186 -13.43 -38.43 24.63
CA GLY B 186 -12.54 -39.58 24.87
C GLY B 186 -12.10 -40.40 23.67
N LYS B 187 -11.99 -39.73 22.54
CA LYS B 187 -11.58 -40.36 21.29
C LYS B 187 -10.08 -40.23 21.13
N THR B 188 -9.48 -41.04 20.26
CA THR B 188 -8.06 -40.87 20.02
C THR B 188 -7.87 -39.46 19.45
N HIS B 189 -6.84 -38.76 19.95
CA HIS B 189 -6.57 -37.41 19.47
C HIS B 189 -5.18 -37.34 18.83
N ASP B 190 -4.92 -36.27 18.10
CA ASP B 190 -3.64 -36.04 17.43
C ASP B 190 -3.18 -34.60 17.65
N GLU B 191 -2.23 -34.14 16.84
CA GLU B 191 -1.71 -32.79 17.02
C GLU B 191 -2.74 -31.69 16.80
N LYS B 192 -3.87 -32.01 16.17
CA LYS B 192 -4.87 -31.01 15.85
C LYS B 192 -5.61 -30.53 17.10
N VAL B 193 -5.39 -31.21 18.23
CA VAL B 193 -5.97 -30.67 19.46
C VAL B 193 -5.37 -29.26 19.70
N ASP B 194 -4.09 -29.05 19.32
CA ASP B 194 -3.50 -27.72 19.56
C ASP B 194 -4.11 -26.63 18.67
N LEU B 195 -4.62 -27.02 17.49
CA LEU B 195 -5.25 -26.05 16.58
C LEU B 195 -6.56 -25.59 17.20
N TRP B 196 -7.31 -26.53 17.78
CA TRP B 196 -8.55 -26.17 18.45
C TRP B 196 -8.23 -25.21 19.63
N CYS B 197 -7.28 -25.58 20.51
CA CYS B 197 -7.00 -24.72 21.65
C CYS B 197 -6.52 -23.34 21.20
N ALA B 198 -5.79 -23.28 20.08
CA ALA B 198 -5.34 -21.98 19.57
C ALA B 198 -6.52 -21.09 19.20
N GLY B 199 -7.57 -21.71 18.68
CA GLY B 199 -8.78 -20.96 18.36
C GLY B 199 -9.48 -20.50 19.63
N VAL B 200 -9.48 -21.34 20.66
CA VAL B 200 -10.15 -20.93 21.92
C VAL B 200 -9.37 -19.79 22.51
N LEU B 201 -8.06 -19.90 22.42
CA LEU B 201 -7.19 -18.85 22.94
C LEU B 201 -7.43 -17.55 22.21
N CYS B 202 -7.55 -17.61 20.88
CA CYS B 202 -7.75 -16.37 20.12
C CYS B 202 -9.06 -15.69 20.60
N TYR B 203 -10.09 -16.51 20.77
CA TYR B 203 -11.39 -16.00 21.23
C TYR B 203 -11.22 -15.38 22.63
N GLU B 204 -10.56 -16.07 23.55
CA GLU B 204 -10.45 -15.47 24.90
C GLU B 204 -9.65 -14.18 24.93
N PHE B 205 -8.57 -14.12 24.15
CA PHE B 205 -7.75 -12.91 24.07
C PHE B 205 -8.61 -11.73 23.64
N LEU B 206 -9.40 -11.92 22.59
CA LEU B 206 -10.21 -10.82 22.06
C LEU B 206 -11.53 -10.58 22.78
N VAL B 207 -12.05 -11.60 23.46
CA VAL B 207 -13.35 -11.46 24.11
C VAL B 207 -13.29 -11.27 25.61
N GLY B 208 -12.26 -11.83 26.25
CA GLY B 208 -12.13 -11.69 27.69
C GLY B 208 -12.62 -12.86 28.51
N MET B 209 -13.28 -13.81 27.83
CA MET B 209 -13.78 -15.02 28.46
C MET B 209 -13.73 -16.14 27.41
N PRO B 210 -13.61 -17.41 27.85
CA PRO B 210 -13.58 -18.51 26.88
C PRO B 210 -14.98 -18.62 26.22
N PRO B 211 -15.03 -19.13 25.00
CA PRO B 211 -16.27 -19.24 24.24
C PRO B 211 -17.41 -20.08 24.72
N PHE B 212 -17.11 -21.12 25.49
CA PHE B 212 -18.16 -22.04 25.92
C PHE B 212 -18.43 -22.02 27.43
N ASP B 213 -17.96 -20.96 28.08
CA ASP B 213 -18.18 -20.74 29.51
C ASP B 213 -19.67 -20.85 29.80
N SER B 214 -19.97 -21.55 30.88
CA SER B 214 -21.33 -21.74 31.29
C SER B 214 -21.32 -22.09 32.77
N PRO B 215 -22.49 -21.98 33.40
CA PRO B 215 -22.60 -22.32 34.83
C PRO B 215 -22.29 -23.78 35.10
N SER B 216 -22.93 -24.63 34.32
CA SER B 216 -22.81 -26.05 34.49
C SER B 216 -21.85 -26.73 33.59
N HIS B 217 -21.23 -27.79 34.09
CA HIS B 217 -20.33 -28.55 33.23
C HIS B 217 -21.06 -29.23 32.13
N THR B 218 -22.29 -29.63 32.38
CA THR B 218 -23.01 -30.31 31.32
C THR B 218 -23.22 -29.38 30.17
N GLU B 219 -23.54 -28.12 30.47
CA GLU B 219 -23.76 -27.16 29.42
C GLU B 219 -22.44 -26.84 28.72
N THR B 220 -21.33 -26.78 29.47
CA THR B 220 -20.05 -26.47 28.83
C THR B 220 -19.73 -27.63 27.85
N HIS B 221 -19.88 -28.86 28.31
CA HIS B 221 -19.65 -30.06 27.49
C HIS B 221 -20.50 -29.97 26.22
N ARG B 222 -21.79 -29.70 26.40
CA ARG B 222 -22.69 -29.55 25.27
C ARG B 222 -22.27 -28.44 24.29
N ARG B 223 -21.82 -27.30 24.78
CA ARG B 223 -21.47 -26.23 23.84
C ARG B 223 -20.19 -26.57 23.10
N ILE B 224 -19.23 -27.22 23.77
CA ILE B 224 -17.99 -27.60 23.07
C ILE B 224 -18.30 -28.60 21.96
N VAL B 225 -19.05 -29.68 22.26
CA VAL B 225 -19.24 -30.72 21.22
C VAL B 225 -20.15 -30.31 20.09
N ASN B 226 -20.97 -29.30 20.34
CA ASN B 226 -21.82 -28.76 19.29
C ASN B 226 -21.24 -27.48 18.74
N VAL B 227 -20.02 -27.13 19.17
CA VAL B 227 -19.35 -25.87 18.75
C VAL B 227 -20.35 -24.68 18.72
N ASP B 228 -20.95 -24.48 19.90
CA ASP B 228 -21.97 -23.47 20.08
C ASP B 228 -21.36 -22.09 20.26
N LEU B 229 -20.79 -21.51 19.20
CA LEU B 229 -20.17 -20.16 19.27
C LEU B 229 -21.19 -19.05 19.28
N LYS B 230 -21.01 -18.09 20.18
CA LYS B 230 -21.87 -16.93 20.24
C LYS B 230 -20.90 -15.75 20.24
N PHE B 231 -20.43 -15.37 19.05
CA PHE B 231 -19.47 -14.24 18.97
C PHE B 231 -20.04 -12.90 19.39
N PRO B 232 -19.34 -12.17 20.27
CA PRO B 232 -19.84 -10.85 20.69
C PRO B 232 -19.84 -9.92 19.48
N PRO B 233 -20.78 -8.96 19.45
CA PRO B 233 -20.89 -8.01 18.34
C PRO B 233 -19.66 -7.11 18.16
N PHE B 234 -18.82 -6.98 19.18
CA PHE B 234 -17.66 -6.11 19.05
C PHE B 234 -16.46 -6.72 18.30
N LEU B 235 -16.53 -8.01 17.96
CA LEU B 235 -15.45 -8.64 17.20
C LEU B 235 -15.48 -8.30 15.71
N SER B 236 -14.30 -8.11 15.13
CA SER B 236 -14.24 -7.80 13.69
C SER B 236 -14.51 -9.02 12.85
N ASP B 237 -14.79 -8.77 11.57
CA ASP B 237 -15.07 -9.90 10.69
C ASP B 237 -13.86 -10.80 10.56
N GLY B 238 -12.68 -10.21 10.47
CA GLY B 238 -11.45 -10.98 10.30
C GLY B 238 -11.14 -11.92 11.48
N SER B 239 -11.31 -11.43 12.70
CA SER B 239 -11.04 -12.29 13.83
C SER B 239 -12.06 -13.42 13.94
N LYS B 240 -13.34 -13.14 13.61
CA LYS B 240 -14.34 -14.20 13.66
C LYS B 240 -14.02 -15.21 12.57
N ASP B 241 -13.55 -14.74 11.42
CA ASP B 241 -13.21 -15.71 10.36
C ASP B 241 -12.12 -16.68 10.85
N LEU B 242 -11.05 -16.13 11.44
CA LEU B 242 -9.98 -17.00 11.92
C LEU B 242 -10.45 -18.01 12.95
N ILE B 243 -11.24 -17.55 13.90
CA ILE B 243 -11.69 -18.43 14.97
C ILE B 243 -12.62 -19.48 14.45
N SER B 244 -13.49 -19.08 13.53
CA SER B 244 -14.46 -20.05 13.00
C SER B 244 -13.75 -21.11 12.19
N LYS B 245 -12.55 -20.79 11.69
CA LYS B 245 -11.78 -21.78 10.91
C LYS B 245 -10.93 -22.72 11.77
N LEU B 246 -10.62 -22.30 13.00
CA LEU B 246 -9.90 -23.12 13.95
C LEU B 246 -10.80 -24.02 14.78
N LEU B 247 -11.93 -23.47 15.23
CA LEU B 247 -12.84 -24.24 16.07
C LEU B 247 -13.79 -25.10 15.24
N ARG B 248 -13.24 -26.12 14.60
CA ARG B 248 -14.07 -27.02 13.80
C ARG B 248 -14.21 -28.31 14.57
N TYR B 249 -15.42 -28.86 14.65
CA TYR B 249 -15.55 -30.14 15.37
C TYR B 249 -14.63 -31.28 14.78
N HIS B 250 -14.65 -31.43 13.46
CA HIS B 250 -13.88 -32.49 12.79
C HIS B 250 -12.45 -31.96 12.71
N PRO B 251 -11.51 -32.63 13.41
CA PRO B 251 -10.12 -32.15 13.39
C PRO B 251 -9.47 -31.81 12.08
N PRO B 252 -9.59 -32.68 11.06
CA PRO B 252 -8.94 -32.38 9.78
C PRO B 252 -9.36 -31.11 9.09
N GLN B 253 -10.53 -30.59 9.45
CA GLN B 253 -11.02 -29.32 8.84
C GLN B 253 -10.38 -28.10 9.46
N ARG B 254 -9.68 -28.26 10.58
CA ARG B 254 -9.10 -27.08 11.24
C ARG B 254 -8.02 -26.41 10.42
N LEU B 255 -8.06 -25.07 10.41
CA LEU B 255 -7.06 -24.30 9.66
C LEU B 255 -5.64 -24.69 10.12
N PRO B 256 -4.75 -25.09 9.17
CA PRO B 256 -3.41 -25.43 9.65
C PRO B 256 -2.69 -24.22 10.26
N LEU B 257 -1.69 -24.52 11.06
CA LEU B 257 -0.91 -23.46 11.71
C LEU B 257 -0.30 -22.51 10.66
N LYS B 258 0.16 -23.04 9.53
CA LYS B 258 0.71 -22.15 8.49
C LYS B 258 -0.40 -21.23 7.97
N GLY B 259 -1.62 -21.75 7.96
CA GLY B 259 -2.76 -20.98 7.49
C GLY B 259 -3.12 -19.89 8.50
N VAL B 260 -2.82 -20.13 9.76
CA VAL B 260 -3.07 -19.12 10.80
C VAL B 260 -2.04 -18.00 10.58
N MET B 261 -0.78 -18.36 10.35
CA MET B 261 0.27 -17.32 10.21
C MET B 261 0.05 -16.47 8.96
N GLU B 262 -0.56 -17.05 7.94
CA GLU B 262 -0.85 -16.33 6.68
C GLU B 262 -2.30 -15.83 6.60
N HIS B 263 -3.09 -16.03 7.65
CA HIS B 263 -4.48 -15.55 7.62
C HIS B 263 -4.45 -14.02 7.46
N PRO B 264 -5.32 -13.48 6.59
CA PRO B 264 -5.29 -12.01 6.38
C PRO B 264 -5.41 -11.12 7.60
N TRP B 265 -6.16 -11.59 8.60
CA TRP B 265 -6.32 -10.78 9.82
C TRP B 265 -5.03 -10.80 10.62
N VAL B 266 -4.38 -11.97 10.68
CA VAL B 266 -3.09 -12.01 11.38
C VAL B 266 -2.08 -11.18 10.61
N LYS B 267 -2.06 -11.30 9.29
CA LYS B 267 -1.08 -10.51 8.53
C LYS B 267 -1.28 -9.02 8.67
N ALA B 268 -2.51 -8.59 8.67
CA ALA B 268 -2.77 -7.17 8.76
C ALA B 268 -2.56 -6.58 10.16
N ASN B 269 -2.73 -7.39 11.20
CA ASN B 269 -2.62 -6.84 12.55
C ASN B 269 -1.43 -7.21 13.41
N SER B 270 -0.70 -8.25 13.02
CA SER B 270 0.42 -8.69 13.85
C SER B 270 1.54 -7.66 13.79
N ARG B 271 2.13 -7.37 14.95
CA ARG B 271 3.26 -6.43 15.03
C ARG B 271 4.40 -7.24 15.69
N ARG B 272 4.57 -8.47 15.24
CA ARG B 272 5.58 -9.34 15.85
C ARG B 272 7.03 -8.89 15.67
N VAL B 273 7.79 -9.04 16.74
CA VAL B 273 9.21 -8.71 16.69
C VAL B 273 9.98 -9.94 17.11
N LEU B 274 11.03 -10.26 16.35
CA LEU B 274 11.84 -11.42 16.69
C LEU B 274 12.93 -10.87 17.61
N PRO B 275 13.28 -11.62 18.65
CA PRO B 275 14.31 -11.20 19.60
C PRO B 275 15.63 -11.02 18.90
N PRO B 276 16.41 -10.01 19.35
CA PRO B 276 17.70 -9.69 18.81
C PRO B 276 18.57 -10.85 18.72
N VAL B 277 19.41 -10.71 17.71
CA VAL B 277 20.39 -11.67 17.39
C VAL B 277 21.76 -11.23 17.91
N TYR B 278 22.65 -12.21 17.93
CA TYR B 278 24.04 -12.07 18.32
C TYR B 278 24.64 -10.72 17.91
N GLN B 279 25.33 -10.08 18.87
CA GLN B 279 26.01 -8.80 18.65
C GLN B 279 27.51 -9.12 18.57
N SER B 280 27.99 -10.05 19.28
N ILE C 1 16.40 -8.66 47.62
CA ILE C 1 17.43 -8.13 48.53
C ILE C 1 18.73 -7.86 47.77
N PRO C 2 19.35 -8.90 47.16
CA PRO C 2 20.61 -8.73 46.41
C PRO C 2 20.52 -7.55 45.47
N ALA C 3 21.53 -6.66 45.48
CA ALA C 3 21.49 -5.47 44.63
C ALA C 3 21.18 -5.73 43.16
N TRP C 4 21.77 -6.75 42.56
CA TRP C 4 21.51 -6.99 41.15
C TRP C 4 20.08 -7.31 40.82
N ALA C 5 19.37 -7.82 41.83
CA ALA C 5 17.98 -8.20 41.62
C ALA C 5 17.01 -7.12 42.05
N SER C 6 17.55 -6.01 42.54
CA SER C 6 16.69 -4.93 42.97
C SER C 6 16.05 -4.32 41.73
N GLY C 7 14.75 -4.05 41.85
CA GLY C 7 13.97 -3.50 40.75
C GLY C 7 14.68 -2.66 39.70
N ASN C 8 15.22 -1.51 40.10
CA ASN C 8 15.84 -0.63 39.14
C ASN C 8 17.12 -1.16 38.52
N LEU C 9 17.90 -1.95 39.24
CA LEU C 9 19.12 -2.49 38.59
C LEU C 9 18.68 -3.63 37.65
N LEU C 10 17.71 -4.41 38.09
CA LEU C 10 17.26 -5.55 37.30
C LEU C 10 16.74 -5.13 35.94
N THR C 11 15.95 -4.05 35.91
CA THR C 11 15.38 -3.58 34.66
C THR C 11 16.44 -3.29 33.63
N GLN C 12 17.53 -2.62 34.07
CA GLN C 12 18.63 -2.25 33.19
C GLN C 12 19.36 -3.48 32.68
N ALA C 13 19.62 -4.43 33.57
CA ALA C 13 20.34 -5.65 33.21
C ALA C 13 19.55 -6.51 32.20
N ILE C 14 18.23 -6.57 32.42
CA ILE C 14 17.35 -7.38 31.57
C ILE C 14 17.34 -6.79 30.17
N ARG C 15 17.24 -5.48 30.11
CA ARG C 15 17.28 -4.80 28.83
C ARG C 15 18.58 -5.06 28.09
N GLN C 16 19.73 -4.97 28.77
CA GLN C 16 21.02 -5.22 28.10
C GLN C 16 21.09 -6.65 27.59
N GLN C 17 20.49 -7.54 28.38
CA GLN C 17 20.46 -8.94 28.04
C GLN C 17 19.64 -9.20 26.79
N TYR C 18 18.53 -8.47 26.63
CA TYR C 18 17.70 -8.65 25.45
C TYR C 18 18.44 -8.14 24.20
N TYR C 19 19.03 -6.96 24.31
CA TYR C 19 19.75 -6.40 23.15
C TYR C 19 21.13 -7.00 22.84
N LYS C 20 21.81 -7.54 23.84
CA LYS C 20 23.13 -8.14 23.63
C LYS C 20 23.12 -9.54 24.23
N PRO C 21 22.36 -10.45 23.65
CA PRO C 21 22.32 -11.81 24.21
C PRO C 21 23.60 -12.61 23.96
N ILE C 22 23.88 -13.56 24.85
CA ILE C 22 25.06 -14.40 24.67
C ILE C 22 24.60 -15.65 23.93
N ASP C 23 25.54 -16.45 23.44
CA ASP C 23 25.16 -17.66 22.71
C ASP C 23 24.83 -18.69 23.79
N VAL C 24 23.54 -18.80 24.16
CA VAL C 24 23.14 -19.75 25.19
C VAL C 24 23.23 -21.19 24.72
N ASP C 25 23.17 -21.43 23.41
CA ASP C 25 23.34 -22.80 22.95
C ASP C 25 24.78 -23.20 23.29
N ARG C 26 25.73 -22.31 23.03
CA ARG C 26 27.12 -22.62 23.33
C ARG C 26 27.39 -22.65 24.83
N MET C 27 26.99 -21.60 25.53
CA MET C 27 27.26 -21.51 26.96
C MET C 27 26.49 -22.45 27.89
N TYR C 28 25.24 -22.75 27.55
CA TYR C 28 24.44 -23.62 28.42
C TYR C 28 24.07 -24.93 27.74
N GLY C 29 23.69 -24.81 26.47
CA GLY C 29 23.28 -25.97 25.68
C GLY C 29 24.31 -27.06 25.48
N THR C 30 25.60 -26.70 25.40
CA THR C 30 26.62 -27.72 25.17
C THR C 30 27.12 -28.42 26.42
N ILE C 31 26.73 -27.89 27.58
CA ILE C 31 27.11 -28.46 28.86
C ILE C 31 26.36 -29.74 29.19
N ASP C 32 27.08 -30.68 29.78
CA ASP C 32 26.53 -31.98 30.16
C ASP C 32 25.40 -31.84 31.17
N SER C 33 24.47 -32.78 31.12
CA SER C 33 23.33 -32.82 32.01
C SER C 33 23.27 -34.21 32.64
N PRO C 34 22.70 -34.35 33.86
CA PRO C 34 22.62 -35.70 34.45
C PRO C 34 21.64 -36.52 33.61
N LYS C 35 21.85 -37.84 33.53
CA LYS C 35 20.90 -38.67 32.78
C LYS C 35 19.56 -38.60 33.50
N LEU C 36 18.45 -38.64 32.75
CA LEU C 36 17.15 -38.57 33.41
C LEU C 36 16.94 -39.71 34.42
N GLU C 37 17.46 -40.90 34.10
CA GLU C 37 17.33 -42.03 35.02
C GLU C 37 17.89 -41.63 36.40
N GLU C 38 19.00 -40.90 36.43
CA GLU C 38 19.65 -40.48 37.68
C GLU C 38 18.84 -39.56 38.56
N LEU C 39 17.99 -38.75 37.94
CA LEU C 39 17.18 -37.81 38.69
C LEU C 39 16.31 -38.54 39.70
N PHE C 40 15.79 -39.70 39.31
CA PHE C 40 14.95 -40.49 40.20
C PHE C 40 15.56 -41.87 40.49
N ASN C 41 15.72 -42.67 39.54
N ILE D 1 -25.01 42.02 -20.27
CA ILE D 1 -23.96 41.16 -19.63
C ILE D 1 -24.00 41.33 -18.12
N PRO D 2 -24.15 40.21 -17.39
CA PRO D 2 -24.19 40.22 -15.92
C PRO D 2 -22.96 40.96 -15.39
N ALA D 3 -23.04 41.50 -14.17
CA ALA D 3 -21.92 42.24 -13.61
C ALA D 3 -20.69 41.36 -13.42
N TRP D 4 -20.90 40.20 -12.84
CA TRP D 4 -19.82 39.25 -12.56
C TRP D 4 -19.02 38.83 -13.79
N ALA D 5 -19.60 38.98 -14.97
CA ALA D 5 -18.92 38.51 -16.16
C ALA D 5 -18.16 39.55 -16.98
N SER D 6 -17.81 40.66 -16.36
CA SER D 6 -17.11 41.68 -17.11
C SER D 6 -16.25 42.58 -16.24
N GLY D 7 -15.27 43.17 -16.90
CA GLY D 7 -14.35 44.09 -16.26
C GLY D 7 -13.66 43.66 -14.99
N ASN D 8 -13.78 44.51 -13.97
CA ASN D 8 -13.14 44.25 -12.70
C ASN D 8 -13.70 43.11 -11.84
N LEU D 9 -15.03 42.99 -11.76
CA LEU D 9 -15.65 41.92 -10.98
C LEU D 9 -15.17 40.57 -11.52
N LEU D 10 -15.06 40.47 -12.83
CA LEU D 10 -14.60 39.24 -13.46
C LEU D 10 -13.10 39.03 -13.19
N THR D 11 -12.29 40.06 -13.43
CA THR D 11 -10.85 39.92 -13.21
C THR D 11 -10.58 39.43 -11.79
N GLN D 12 -11.19 40.09 -10.82
CA GLN D 12 -11.00 39.70 -9.42
C GLN D 12 -11.38 38.24 -9.18
N ALA D 13 -12.49 37.84 -9.77
CA ALA D 13 -12.95 36.48 -9.61
C ALA D 13 -11.97 35.45 -10.20
N ILE D 14 -11.43 35.79 -11.37
CA ILE D 14 -10.47 34.93 -12.10
C ILE D 14 -9.21 34.79 -11.23
N ARG D 15 -8.75 35.90 -10.68
CA ARG D 15 -7.54 35.88 -9.84
C ARG D 15 -7.75 35.01 -8.64
N GLN D 16 -8.92 35.17 -8.00
CA GLN D 16 -9.25 34.38 -6.83
C GLN D 16 -9.23 32.91 -7.12
N GLN D 17 -9.76 32.54 -8.29
CA GLN D 17 -9.81 31.15 -8.71
C GLN D 17 -8.42 30.52 -8.97
N TYR D 18 -7.52 31.31 -9.57
CA TYR D 18 -6.16 30.85 -9.88
C TYR D 18 -5.44 30.55 -8.56
N TYR D 19 -5.52 31.48 -7.62
CA TYR D 19 -4.84 31.30 -6.34
C TYR D 19 -5.51 30.40 -5.30
N LYS D 20 -6.79 30.14 -5.48
CA LYS D 20 -7.53 29.29 -4.57
C LYS D 20 -8.33 28.32 -5.42
N PRO D 21 -7.64 27.39 -6.07
CA PRO D 21 -8.31 26.41 -6.94
C PRO D 21 -9.23 25.50 -6.13
N ILE D 22 -10.33 25.08 -6.73
CA ILE D 22 -11.20 24.17 -6.00
C ILE D 22 -10.82 22.77 -6.43
N ASP D 23 -11.28 21.79 -5.67
CA ASP D 23 -11.00 20.40 -5.97
C ASP D 23 -11.98 20.02 -7.09
N VAL D 24 -11.61 20.34 -8.33
CA VAL D 24 -12.49 20.04 -9.46
C VAL D 24 -12.66 18.56 -9.69
N ASP D 25 -11.62 17.80 -9.43
CA ASP D 25 -11.70 16.36 -9.64
C ASP D 25 -12.83 15.77 -8.81
N ARG D 26 -13.06 16.31 -7.62
CA ARG D 26 -14.14 15.84 -6.78
C ARG D 26 -15.45 16.58 -7.08
N MET D 27 -15.38 17.89 -7.11
CA MET D 27 -16.53 18.76 -7.37
C MET D 27 -17.24 18.50 -8.72
N TYR D 28 -16.49 18.05 -9.73
CA TYR D 28 -17.11 17.79 -11.03
C TYR D 28 -16.74 16.42 -11.55
N GLY D 29 -15.60 15.91 -11.10
CA GLY D 29 -15.13 14.61 -11.55
C GLY D 29 -15.71 13.48 -10.72
N THR D 30 -16.73 13.81 -9.92
CA THR D 30 -17.39 12.83 -9.07
C THR D 30 -18.87 12.77 -9.45
N ILE D 31 -19.27 13.70 -10.29
CA ILE D 31 -20.65 13.77 -10.73
C ILE D 31 -20.83 12.87 -11.94
N ASP D 32 -21.98 12.20 -12.01
CA ASP D 32 -22.26 11.33 -13.12
C ASP D 32 -22.24 12.05 -14.46
N SER D 33 -21.87 11.31 -15.49
CA SER D 33 -21.81 11.83 -16.85
C SER D 33 -22.72 10.95 -17.70
N PRO D 34 -23.32 11.52 -18.75
CA PRO D 34 -24.17 10.63 -19.55
C PRO D 34 -23.18 9.72 -20.29
N LYS D 35 -23.58 8.50 -20.60
CA LYS D 35 -22.69 7.60 -21.34
C LYS D 35 -22.49 8.23 -22.73
N LEU D 36 -21.27 8.20 -23.28
CA LEU D 36 -21.06 8.82 -24.59
C LEU D 36 -21.96 8.19 -25.63
N GLU D 37 -22.33 6.95 -25.35
CA GLU D 37 -23.21 6.19 -26.21
C GLU D 37 -24.60 6.84 -26.22
N GLU D 38 -24.97 7.46 -25.11
CA GLU D 38 -26.31 8.05 -24.96
C GLU D 38 -26.43 9.52 -25.38
N LEU D 39 -25.30 10.19 -25.61
CA LEU D 39 -25.31 11.60 -25.96
C LEU D 39 -26.28 12.06 -27.06
N PHE D 40 -26.49 11.23 -28.08
CA PHE D 40 -27.40 11.61 -29.14
C PHE D 40 -28.80 11.01 -29.04
N ASN D 41 -29.08 10.39 -27.89
CA ASN D 41 -30.37 9.78 -27.64
C ASN D 41 -31.22 10.59 -26.66
N LYS D 42 -32.32 10.02 -26.19
CA LYS D 42 -33.24 10.72 -25.27
C LYS D 42 -32.57 11.27 -24.02
N SER D 43 -32.89 12.52 -23.68
CA SER D 43 -32.30 13.14 -22.49
C SER D 43 -33.21 12.91 -21.28
#